data_7KDT
#
_entry.id   7KDT
#
loop_
_entity.id
_entity.type
_entity.pdbx_description
1 polymer 'Mitochondrial import receptor subunit TOM70'
2 polymer 'ORF9b protein'
#
loop_
_entity_poly.entity_id
_entity_poly.type
_entity_poly.pdbx_seq_one_letter_code
_entity_poly.pdbx_strand_id
1 'polypeptide(L)'
;NSLDRAQAAKNKGNKYFKAGKYEQAIQCYTEAISLCPTEKNVDLSTFYQNRAAAFEQLQKWKEVAQDCTKAVELNPKYVK
ALFRRAKAHEKLDNKKECLEDVTAVCILEGFQNQQSMLLADKVLKLLGKEKAKEKYKNREPLMPSPQFIKSYFSSFTDDI
ISQPMLKGEKSDEDKDKEGEALEVKENSGYLKAKQYMEEENYDKIISECSKEIDAEGKYMAEALLLRATFYLLIGNANAA
KPDLDKVISLKEANVKLRANALIKRGSMYMQQQQPLLSTQDFNMAADIDPQNADVYHHRGQLKILLDQVEEAVADFDECI
RLRPESALAQAQKCFALYRQAYTGNNSSQIQAAMKGFEEVIKKFPRCAEGYALYAQALTDQQQFGKADEMYDKCIDLEPD
NATTYVHKGLLQLQWKQDLDRGLELISKAIEIDNKCDFAYETMGTIEVQRGNMEKAIDMFNKAINLAKSEMEMAHLYSLC
DAAHAQTEVAKKYGLKPPTL
;
A
2 'polypeptide(L)'
;MDPKISEMHPALRLVDPQIQLAVTRMENAVGRDQNNVGPKVYPIILRLGSPLSLNMARKTLNSLEDKAFQLTPIAVQMTK
LATTEELPDEFVVVTVK
;
B
#
# COMPACT_ATOMS: atom_id res chain seq x y z
N ASN A 1 -26.35 -51.78 -14.34
CA ASN A 1 -25.20 -51.64 -15.28
C ASN A 1 -24.90 -50.19 -15.67
N SER A 2 -25.86 -49.41 -16.18
CA SER A 2 -25.64 -48.10 -16.83
C SER A 2 -24.76 -47.11 -16.04
N LEU A 3 -25.08 -46.88 -14.76
CA LEU A 3 -24.25 -46.06 -13.86
C LEU A 3 -23.05 -46.85 -13.30
N ASP A 4 -23.25 -48.12 -12.99
CA ASP A 4 -22.26 -48.98 -12.32
C ASP A 4 -20.97 -49.09 -13.13
N ARG A 5 -21.06 -49.25 -14.46
CA ARG A 5 -19.89 -49.31 -15.36
C ARG A 5 -19.07 -48.02 -15.35
N ALA A 6 -19.71 -46.86 -15.27
CA ALA A 6 -19.05 -45.57 -15.19
C ALA A 6 -18.39 -45.35 -13.82
N GLN A 7 -19.11 -45.71 -12.75
CA GLN A 7 -18.57 -45.64 -11.37
C GLN A 7 -17.38 -46.60 -11.30
N ALA A 8 -17.45 -47.85 -11.76
CA ALA A 8 -16.37 -48.83 -11.83
C ALA A 8 -15.18 -48.25 -12.60
N ALA A 9 -15.40 -47.71 -13.80
CA ALA A 9 -14.35 -47.08 -14.59
C ALA A 9 -13.67 -45.89 -13.86
N LYS A 10 -14.42 -45.08 -13.09
CA LYS A 10 -13.85 -44.05 -12.20
C LYS A 10 -12.88 -44.66 -11.19
N ASN A 11 -13.29 -45.71 -10.47
CA ASN A 11 -12.43 -46.38 -9.50
C ASN A 11 -11.24 -47.11 -10.15
N LYS A 12 -11.39 -47.63 -11.37
CA LYS A 12 -10.29 -48.12 -12.20
C LYS A 12 -9.31 -46.98 -12.59
N GLY A 13 -9.81 -45.77 -12.77
CA GLY A 13 -8.95 -44.58 -12.84
C GLY A 13 -8.22 -44.33 -11.52
N ASN A 14 -8.94 -44.36 -10.39
CA ASN A 14 -8.36 -44.10 -9.06
C ASN A 14 -7.25 -45.10 -8.69
N LYS A 15 -7.42 -46.41 -8.93
CA LYS A 15 -6.36 -47.39 -8.64
C LYS A 15 -5.08 -47.13 -9.43
N TYR A 16 -5.17 -46.85 -10.73
CA TYR A 16 -4.00 -46.49 -11.53
C TYR A 16 -3.42 -45.12 -11.13
N PHE A 17 -4.24 -44.14 -10.76
CA PHE A 17 -3.75 -42.86 -10.23
C PHE A 17 -2.96 -43.05 -8.92
N LYS A 18 -3.43 -43.89 -8.01
CA LYS A 18 -2.72 -44.26 -6.78
C LYS A 18 -1.42 -45.03 -7.06
N ALA A 19 -1.41 -45.87 -8.10
CA ALA A 19 -0.21 -46.56 -8.58
C ALA A 19 0.80 -45.65 -9.31
N GLY A 20 0.48 -44.38 -9.57
CA GLY A 20 1.30 -43.50 -10.42
C GLY A 20 1.30 -43.87 -11.91
N LYS A 21 0.44 -44.81 -12.31
CA LYS A 21 0.26 -45.33 -13.68
C LYS A 21 -0.69 -44.41 -14.46
N TYR A 22 -0.27 -43.16 -14.63
CA TYR A 22 -1.17 -42.08 -15.01
C TYR A 22 -1.77 -42.23 -16.40
N GLU A 23 -1.06 -42.82 -17.37
CA GLU A 23 -1.62 -43.06 -18.71
C GLU A 23 -2.79 -44.05 -18.65
N GLN A 24 -2.59 -45.16 -17.92
CA GLN A 24 -3.63 -46.19 -17.72
C GLN A 24 -4.78 -45.58 -16.92
N ALA A 25 -4.55 -44.70 -15.95
CA ALA A 25 -5.57 -43.96 -15.21
C ALA A 25 -6.41 -43.09 -16.15
N ILE A 26 -5.78 -42.32 -17.03
CA ILE A 26 -6.45 -41.47 -18.02
C ILE A 26 -7.29 -42.32 -18.97
N GLN A 27 -6.82 -43.49 -19.38
CA GLN A 27 -7.63 -44.40 -20.20
C GLN A 27 -8.89 -44.85 -19.46
N CYS A 28 -8.78 -45.24 -18.18
CA CYS A 28 -9.96 -45.61 -17.39
C CYS A 28 -10.94 -44.45 -17.15
N TYR A 29 -10.47 -43.23 -16.91
CA TYR A 29 -11.36 -42.06 -16.86
C TYR A 29 -12.01 -41.78 -18.22
N THR A 30 -11.27 -41.96 -19.32
CA THR A 30 -11.82 -41.81 -20.68
C THR A 30 -12.86 -42.88 -20.99
N GLU A 31 -12.67 -44.11 -20.50
CA GLU A 31 -13.71 -45.14 -20.52
C GLU A 31 -14.94 -44.66 -19.75
N ALA A 32 -14.81 -44.17 -18.50
CA ALA A 32 -15.94 -43.66 -17.73
C ALA A 32 -16.73 -42.57 -18.47
N ILE A 33 -16.03 -41.60 -19.07
CA ILE A 33 -16.62 -40.52 -19.87
C ILE A 33 -17.33 -41.07 -21.12
N SER A 34 -16.79 -42.11 -21.76
CA SER A 34 -17.44 -42.75 -22.91
C SER A 34 -18.68 -43.57 -22.52
N LEU A 35 -18.67 -44.19 -21.34
CA LEU A 35 -19.69 -45.13 -20.85
C LEU A 35 -20.85 -44.44 -20.09
N CYS A 36 -20.72 -43.16 -19.76
CA CYS A 36 -21.65 -42.45 -18.89
C CYS A 36 -23.10 -42.40 -19.45
N PRO A 37 -24.12 -42.63 -18.62
CA PRO A 37 -25.52 -42.50 -19.02
C PRO A 37 -26.00 -41.04 -18.94
N THR A 38 -25.71 -40.24 -19.96
CA THR A 38 -26.05 -38.81 -20.00
C THR A 38 -27.56 -38.56 -19.91
N GLU A 39 -28.38 -39.49 -20.40
CA GLU A 39 -29.83 -39.46 -20.33
C GLU A 39 -30.40 -39.59 -18.90
N LYS A 40 -29.59 -40.07 -17.94
CA LYS A 40 -29.91 -40.12 -16.51
C LYS A 40 -29.46 -38.88 -15.74
N ASN A 41 -28.87 -37.89 -16.43
CA ASN A 41 -28.23 -36.70 -15.84
C ASN A 41 -27.14 -37.06 -14.79
N VAL A 42 -26.35 -38.09 -15.06
CA VAL A 42 -25.17 -38.47 -14.25
C VAL A 42 -24.19 -37.30 -14.09
N ASP A 43 -23.51 -37.19 -12.95
CA ASP A 43 -22.57 -36.10 -12.68
C ASP A 43 -21.18 -36.31 -13.33
N LEU A 44 -21.20 -36.32 -14.65
CA LEU A 44 -20.07 -36.42 -15.57
C LEU A 44 -18.95 -35.40 -15.28
N SER A 45 -19.28 -34.26 -14.65
CA SER A 45 -18.28 -33.26 -14.26
C SER A 45 -17.19 -33.85 -13.37
N THR A 46 -17.54 -34.80 -12.51
CA THR A 46 -16.57 -35.48 -11.64
C THR A 46 -15.60 -36.35 -12.42
N PHE A 47 -16.03 -37.02 -13.50
CA PHE A 47 -15.11 -37.82 -14.31
C PHE A 47 -14.10 -36.92 -15.03
N TYR A 48 -14.54 -35.80 -15.58
CA TYR A 48 -13.65 -34.82 -16.20
C TYR A 48 -12.66 -34.20 -15.22
N GLN A 49 -13.08 -33.77 -14.04
CA GLN A 49 -12.14 -33.23 -13.05
C GLN A 49 -11.15 -34.29 -12.55
N ASN A 50 -11.56 -35.55 -12.42
CA ASN A 50 -10.64 -36.64 -12.10
C ASN A 50 -9.62 -36.86 -13.21
N ARG A 51 -10.04 -36.92 -14.47
CA ARG A 51 -9.13 -37.00 -15.63
C ARG A 51 -8.12 -35.85 -15.62
N ALA A 52 -8.58 -34.64 -15.35
CA ALA A 52 -7.73 -33.44 -15.31
C ALA A 52 -6.62 -33.51 -14.26
N ALA A 53 -6.87 -34.13 -13.10
CA ALA A 53 -5.88 -34.28 -12.05
C ALA A 53 -4.64 -35.06 -12.49
N ALA A 54 -4.81 -36.13 -13.27
CA ALA A 54 -3.69 -36.93 -13.79
C ALA A 54 -2.79 -36.12 -14.75
N PHE A 55 -3.34 -35.22 -15.55
CA PHE A 55 -2.55 -34.36 -16.44
C PHE A 55 -1.72 -33.30 -15.72
N GLU A 56 -1.96 -32.98 -14.44
CA GLU A 56 -0.97 -32.25 -13.64
C GLU A 56 0.29 -33.09 -13.41
N GLN A 57 0.13 -34.40 -13.17
CA GLN A 57 1.28 -35.32 -12.86
C GLN A 57 2.12 -35.46 -14.15
N LEU A 58 1.48 -35.54 -15.32
CA LEU A 58 2.18 -35.48 -16.62
C LEU A 58 2.62 -34.06 -17.01
N GLN A 59 2.24 -33.03 -16.24
CA GLN A 59 2.55 -31.61 -16.46
C GLN A 59 2.15 -31.08 -17.87
N LYS A 60 1.13 -31.69 -18.49
CA LYS A 60 0.52 -31.20 -19.73
C LYS A 60 -0.56 -30.16 -19.42
N TRP A 61 -0.13 -28.95 -19.08
CA TRP A 61 -1.02 -27.92 -18.51
C TRP A 61 -2.22 -27.56 -19.40
N LYS A 62 -2.11 -27.63 -20.74
CA LYS A 62 -3.26 -27.48 -21.63
C LYS A 62 -4.34 -28.55 -21.47
N GLU A 63 -3.97 -29.77 -21.11
CA GLU A 63 -4.91 -30.88 -20.97
C GLU A 63 -5.67 -30.81 -19.65
N VAL A 64 -4.97 -30.57 -18.53
CA VAL A 64 -5.63 -30.27 -17.26
C VAL A 64 -6.51 -29.03 -17.36
N ALA A 65 -6.11 -27.97 -18.07
CA ALA A 65 -7.00 -26.82 -18.27
C ALA A 65 -8.31 -27.23 -18.97
N GLN A 66 -8.23 -27.87 -20.16
CA GLN A 66 -9.44 -28.18 -20.99
C GLN A 66 -10.34 -29.26 -20.38
N ASP A 67 -9.81 -30.19 -19.57
CA ASP A 67 -10.64 -31.16 -18.83
C ASP A 67 -11.31 -30.52 -17.60
N CYS A 68 -10.73 -29.49 -16.99
CA CYS A 68 -11.44 -28.69 -15.99
C CYS A 68 -12.54 -27.84 -16.62
N THR A 69 -12.32 -27.25 -17.80
CA THR A 69 -13.36 -26.49 -18.51
C THR A 69 -14.58 -27.35 -18.85
N LYS A 70 -14.38 -28.61 -19.29
CA LYS A 70 -15.48 -29.58 -19.44
C LYS A 70 -16.26 -29.76 -18.15
N ALA A 71 -15.58 -29.94 -17.02
CA ALA A 71 -16.28 -30.07 -15.74
C ALA A 71 -17.07 -28.81 -15.36
N VAL A 72 -16.51 -27.62 -15.55
CA VAL A 72 -17.14 -26.33 -15.22
C VAL A 72 -18.37 -26.05 -16.09
N GLU A 73 -18.31 -26.35 -17.39
CA GLU A 73 -19.49 -26.20 -18.27
C GLU A 73 -20.67 -27.10 -17.86
N LEU A 74 -20.40 -28.29 -17.35
CA LEU A 74 -21.43 -29.20 -16.83
C LEU A 74 -21.93 -28.77 -15.44
N ASN A 75 -21.10 -28.10 -14.64
CA ASN A 75 -21.32 -27.84 -13.22
C ASN A 75 -20.59 -26.54 -12.78
N PRO A 76 -21.21 -25.36 -12.90
CA PRO A 76 -20.51 -24.07 -12.85
C PRO A 76 -20.05 -23.62 -11.45
N LYS A 77 -20.46 -24.30 -10.38
CA LYS A 77 -20.10 -23.96 -8.97
C LYS A 77 -19.14 -24.99 -8.33
N TYR A 78 -18.54 -25.86 -9.14
CA TYR A 78 -17.67 -26.94 -8.69
C TYR A 78 -16.26 -26.44 -8.38
N VAL A 79 -15.98 -26.18 -7.10
CA VAL A 79 -14.76 -25.48 -6.66
C VAL A 79 -13.48 -26.21 -7.06
N LYS A 80 -13.42 -27.55 -6.97
CA LYS A 80 -12.24 -28.34 -7.35
C LYS A 80 -11.79 -28.06 -8.78
N ALA A 81 -12.73 -28.04 -9.73
CA ALA A 81 -12.44 -27.75 -11.13
C ALA A 81 -12.00 -26.31 -11.35
N LEU A 82 -12.63 -25.34 -10.67
CA LEU A 82 -12.22 -23.94 -10.79
C LEU A 82 -10.81 -23.70 -10.22
N PHE A 83 -10.47 -24.28 -9.07
CA PHE A 83 -9.14 -24.09 -8.50
C PHE A 83 -8.06 -24.81 -9.31
N ARG A 84 -8.31 -26.04 -9.78
CA ARG A 84 -7.36 -26.74 -10.64
C ARG A 84 -7.14 -26.02 -11.96
N ARG A 85 -8.19 -25.45 -12.56
CA ARG A 85 -8.07 -24.62 -13.76
C ARG A 85 -7.27 -23.35 -13.50
N ALA A 86 -7.42 -22.73 -12.34
CA ALA A 86 -6.61 -21.57 -11.97
C ALA A 86 -5.11 -21.90 -11.91
N LYS A 87 -4.72 -22.97 -11.22
CA LYS A 87 -3.32 -23.44 -11.19
C LYS A 87 -2.78 -23.70 -12.60
N ALA A 88 -3.54 -24.38 -13.46
CA ALA A 88 -3.14 -24.61 -14.85
C ALA A 88 -2.94 -23.31 -15.62
N HIS A 89 -3.82 -22.32 -15.40
CA HIS A 89 -3.67 -20.97 -16.00
C HIS A 89 -2.34 -20.39 -15.51
N GLU A 90 -2.07 -20.36 -14.20
CA GLU A 90 -0.84 -19.78 -13.67
C GLU A 90 0.39 -20.38 -14.37
N LYS A 91 0.45 -21.71 -14.53
CA LYS A 91 1.54 -22.41 -15.22
C LYS A 91 1.66 -22.02 -16.70
N LEU A 92 0.54 -21.83 -17.40
CA LEU A 92 0.51 -21.33 -18.78
C LEU A 92 0.73 -19.80 -18.91
N ASP A 93 0.98 -19.07 -17.81
CA ASP A 93 1.09 -17.61 -17.77
C ASP A 93 -0.18 -16.86 -18.22
N ASN A 94 -1.34 -17.52 -18.13
CA ASN A 94 -2.68 -16.96 -18.31
C ASN A 94 -3.15 -16.29 -17.01
N LYS A 95 -2.41 -15.29 -16.52
CA LYS A 95 -2.63 -14.72 -15.19
C LYS A 95 -4.02 -14.11 -15.02
N LYS A 96 -4.57 -13.42 -16.02
CA LYS A 96 -5.91 -12.81 -15.94
C LYS A 96 -7.02 -13.87 -15.81
N GLU A 97 -6.94 -14.94 -16.58
CA GLU A 97 -7.88 -16.07 -16.48
C GLU A 97 -7.74 -16.80 -15.15
N CYS A 98 -6.52 -16.93 -14.63
CA CYS A 98 -6.31 -17.40 -13.27
C CYS A 98 -7.01 -16.49 -12.26
N LEU A 99 -6.85 -15.18 -12.34
CA LEU A 99 -7.47 -14.26 -11.39
C LEU A 99 -8.99 -14.35 -11.38
N GLU A 100 -9.63 -14.43 -12.55
CA GLU A 100 -11.08 -14.60 -12.63
C GLU A 100 -11.54 -15.93 -12.02
N ASP A 101 -10.88 -17.05 -12.29
CA ASP A 101 -11.20 -18.33 -11.67
C ASP A 101 -10.96 -18.35 -10.16
N VAL A 102 -9.86 -17.77 -9.67
CA VAL A 102 -9.60 -17.70 -8.22
C VAL A 102 -10.55 -16.74 -7.53
N THR A 103 -10.98 -15.66 -8.19
CA THR A 103 -11.98 -14.75 -7.63
C THR A 103 -13.31 -15.47 -7.42
N ALA A 104 -13.77 -16.26 -8.38
CA ALA A 104 -14.94 -17.11 -8.19
C ALA A 104 -14.73 -18.11 -7.05
N VAL A 105 -13.55 -18.73 -6.95
CA VAL A 105 -13.25 -19.69 -5.88
C VAL A 105 -13.27 -19.03 -4.51
N CYS A 106 -12.64 -17.86 -4.33
CA CYS A 106 -12.67 -17.14 -3.06
C CYS A 106 -14.10 -16.85 -2.63
N ILE A 107 -14.91 -16.29 -3.52
CA ILE A 107 -16.33 -16.01 -3.27
C ILE A 107 -17.08 -17.28 -2.88
N LEU A 108 -16.98 -18.36 -3.66
CA LEU A 108 -17.71 -19.60 -3.38
C LEU A 108 -17.22 -20.34 -2.13
N GLU A 109 -15.98 -20.15 -1.71
CA GLU A 109 -15.45 -20.60 -0.42
C GLU A 109 -15.68 -19.60 0.73
N GLY A 110 -16.38 -18.48 0.51
CA GLY A 110 -16.60 -17.45 1.55
C GLY A 110 -15.32 -16.77 2.04
N PHE A 111 -14.28 -16.75 1.21
CA PHE A 111 -12.90 -16.35 1.50
C PHE A 111 -12.24 -17.15 2.63
N GLN A 112 -12.73 -18.36 2.97
CA GLN A 112 -12.22 -19.12 4.15
C GLN A 112 -10.91 -19.85 3.85
N ASN A 113 -10.78 -20.50 2.68
CA ASN A 113 -9.62 -21.36 2.37
C ASN A 113 -8.38 -20.53 1.96
N GLN A 114 -7.30 -20.56 2.71
CA GLN A 114 -6.11 -19.69 2.48
C GLN A 114 -5.22 -20.19 1.35
N GLN A 115 -5.40 -21.40 0.79
CA GLN A 115 -4.71 -21.83 -0.44
C GLN A 115 -5.16 -21.02 -1.66
N SER A 116 -6.46 -20.79 -1.79
CA SER A 116 -7.06 -19.93 -2.81
C SER A 116 -6.61 -18.48 -2.64
N MET A 117 -6.66 -17.97 -1.42
CA MET A 117 -6.29 -16.59 -1.07
C MET A 117 -4.84 -16.28 -1.40
N LEU A 118 -3.91 -17.20 -1.17
CA LEU A 118 -2.50 -17.03 -1.51
C LEU A 118 -2.28 -16.93 -3.03
N LEU A 119 -2.94 -17.78 -3.82
CA LEU A 119 -2.86 -17.70 -5.27
C LEU A 119 -3.47 -16.39 -5.80
N ALA A 120 -4.58 -15.92 -5.24
CA ALA A 120 -5.15 -14.62 -5.58
C ALA A 120 -4.16 -13.49 -5.32
N ASP A 121 -3.55 -13.46 -4.14
CA ASP A 121 -2.61 -12.43 -3.74
C ASP A 121 -1.34 -12.41 -4.61
N LYS A 122 -0.73 -13.57 -4.86
CA LYS A 122 0.43 -13.70 -5.76
C LYS A 122 0.12 -13.21 -7.16
N VAL A 123 -0.97 -13.68 -7.75
CA VAL A 123 -1.32 -13.33 -9.13
C VAL A 123 -1.72 -11.86 -9.25
N LEU A 124 -2.40 -11.29 -8.24
CA LEU A 124 -2.65 -9.85 -8.16
C LEU A 124 -1.37 -9.03 -8.04
N LYS A 125 -0.38 -9.45 -7.24
CA LYS A 125 0.92 -8.76 -7.15
C LYS A 125 1.68 -8.78 -8.46
N LEU A 126 1.72 -9.91 -9.18
CA LEU A 126 2.36 -10.00 -10.49
C LEU A 126 1.65 -9.16 -11.55
N LEU A 127 0.31 -9.23 -11.64
CA LEU A 127 -0.49 -8.38 -12.51
C LEU A 127 -0.31 -6.90 -12.16
N GLY A 128 -0.27 -6.58 -10.87
CA GLY A 128 -0.01 -5.25 -10.34
C GLY A 128 1.33 -4.71 -10.82
N LYS A 129 2.43 -5.43 -10.60
CA LYS A 129 3.77 -5.01 -11.02
C LYS A 129 3.91 -4.86 -12.53
N GLU A 130 3.37 -5.78 -13.33
CA GLU A 130 3.39 -5.68 -14.79
C GLU A 130 2.69 -4.41 -15.31
N LYS A 131 1.52 -4.07 -14.75
CA LYS A 131 0.81 -2.84 -15.11
C LYS A 131 1.53 -1.60 -14.58
N ALA A 132 2.06 -1.69 -13.36
CA ALA A 132 2.77 -0.58 -12.74
C ALA A 132 4.01 -0.17 -13.50
N LYS A 133 4.91 -1.09 -13.87
CA LYS A 133 6.15 -0.70 -14.55
C LYS A 133 5.92 -0.11 -15.94
N GLU A 134 4.95 -0.64 -16.69
CA GLU A 134 4.62 -0.06 -18.00
C GLU A 134 3.98 1.33 -17.88
N LYS A 135 3.12 1.60 -16.89
CA LYS A 135 2.63 2.98 -16.68
C LYS A 135 3.70 3.90 -16.11
N TYR A 136 4.46 3.46 -15.11
CA TYR A 136 5.43 4.30 -14.42
C TYR A 136 6.51 4.83 -15.38
N LYS A 137 6.96 4.05 -16.37
CA LYS A 137 7.81 4.52 -17.48
C LYS A 137 7.26 5.71 -18.29
N ASN A 138 5.96 5.99 -18.21
CA ASN A 138 5.24 6.94 -19.06
C ASN A 138 4.49 8.03 -18.27
N ARG A 139 4.65 8.10 -16.94
CA ARG A 139 3.96 9.08 -16.08
C ARG A 139 4.37 10.53 -16.37
N GLU A 140 3.52 11.46 -15.97
CA GLU A 140 3.88 12.89 -15.88
C GLU A 140 4.75 13.16 -14.62
N PRO A 141 5.72 14.09 -14.67
CA PRO A 141 6.44 14.57 -13.50
C PRO A 141 5.57 15.56 -12.70
N LEU A 142 4.43 15.08 -12.21
CA LEU A 142 3.36 15.90 -11.65
C LEU A 142 3.72 16.49 -10.27
N MET A 143 3.84 17.81 -10.19
CA MET A 143 4.19 18.53 -8.95
C MET A 143 3.10 18.40 -7.88
N PRO A 144 3.40 18.06 -6.62
CA PRO A 144 2.39 17.92 -5.57
C PRO A 144 1.83 19.26 -5.08
N SER A 145 0.80 19.19 -4.24
CA SER A 145 0.05 20.32 -3.69
C SER A 145 0.93 21.33 -2.93
N PRO A 146 0.71 22.66 -3.03
CA PRO A 146 1.50 23.64 -2.27
C PRO A 146 1.43 23.43 -0.76
N GLN A 147 0.27 23.01 -0.22
CA GLN A 147 0.15 22.64 1.18
C GLN A 147 1.09 21.48 1.54
N PHE A 148 1.22 20.49 0.65
CA PHE A 148 2.14 19.37 0.85
C PHE A 148 3.61 19.81 0.87
N ILE A 149 4.05 20.63 -0.09
CA ILE A 149 5.45 21.09 -0.14
C ILE A 149 5.82 21.94 1.08
N LYS A 150 4.95 22.86 1.52
CA LYS A 150 5.21 23.64 2.74
C LYS A 150 5.25 22.76 3.99
N SER A 151 4.37 21.77 4.08
CA SER A 151 4.40 20.79 5.17
C SER A 151 5.66 19.92 5.11
N TYR A 152 6.12 19.55 3.91
CA TYR A 152 7.34 18.78 3.70
C TYR A 152 8.57 19.52 4.21
N PHE A 153 8.89 20.70 3.69
CA PHE A 153 10.07 21.44 4.13
C PHE A 153 10.01 21.88 5.59
N SER A 154 8.82 22.02 6.17
CA SER A 154 8.67 22.25 7.61
C SER A 154 9.10 21.06 8.48
N SER A 155 9.44 19.90 7.87
CA SER A 155 10.03 18.76 8.56
C SER A 155 11.54 18.89 8.79
N PHE A 156 12.24 19.72 8.02
CA PHE A 156 13.69 19.88 8.07
C PHE A 156 14.04 21.19 8.77
N THR A 157 14.64 21.10 9.95
CA THR A 157 15.10 22.24 10.72
C THR A 157 16.56 22.55 10.41
N ASP A 158 17.41 21.54 10.51
CA ASP A 158 18.86 21.66 10.55
C ASP A 158 19.45 21.55 9.13
N ASP A 159 18.98 22.44 8.25
CA ASP A 159 19.16 22.36 6.81
C ASP A 159 19.27 23.76 6.19
N ILE A 160 20.38 24.03 5.51
CA ILE A 160 20.69 25.31 4.88
C ILE A 160 19.75 25.63 3.70
N ILE A 161 19.13 24.61 3.10
CA ILE A 161 18.17 24.80 2.01
C ILE A 161 16.85 25.38 2.55
N SER A 162 16.31 24.82 3.63
CA SER A 162 15.06 25.27 4.25
C SER A 162 15.16 26.59 5.02
N GLN A 163 16.25 26.80 5.77
CA GLN A 163 16.31 27.82 6.83
C GLN A 163 16.08 29.30 6.43
N PRO A 164 16.71 29.86 5.38
CA PRO A 164 16.80 31.31 5.21
C PRO A 164 15.45 32.00 4.99
N TYR A 190 21.88 27.00 -5.60
CA TYR A 190 20.60 27.18 -4.91
C TYR A 190 20.19 28.65 -4.77
N LEU A 191 21.09 29.62 -4.93
CA LEU A 191 20.84 31.01 -4.61
C LEU A 191 19.78 31.66 -5.53
N LYS A 192 19.78 31.30 -6.82
CA LYS A 192 18.69 31.68 -7.73
C LYS A 192 17.43 30.91 -7.37
N ALA A 193 17.56 29.60 -7.12
CA ALA A 193 16.44 28.72 -6.84
C ALA A 193 15.65 29.08 -5.57
N LYS A 194 16.32 29.55 -4.52
CA LYS A 194 15.69 29.92 -3.24
C LYS A 194 14.57 30.94 -3.38
N GLN A 195 14.68 31.89 -4.31
CA GLN A 195 13.63 32.88 -4.56
C GLN A 195 12.30 32.19 -4.89
N TYR A 196 12.33 31.23 -5.82
CA TYR A 196 11.15 30.48 -6.24
C TYR A 196 10.60 29.55 -5.16
N MET A 197 11.39 29.10 -4.18
CA MET A 197 10.83 28.41 -3.01
C MET A 197 9.97 29.36 -2.17
N GLU A 198 10.51 30.52 -1.79
CA GLU A 198 9.80 31.46 -0.91
C GLU A 198 8.64 32.18 -1.62
N GLU A 199 8.70 32.31 -2.94
CA GLU A 199 7.60 32.78 -3.80
C GLU A 199 6.68 31.63 -4.28
N GLU A 200 7.00 30.39 -3.95
CA GLU A 200 6.25 29.15 -4.27
C GLU A 200 6.08 28.82 -5.76
N ASN A 201 6.93 29.35 -6.64
CA ASN A 201 6.99 29.00 -8.06
C ASN A 201 7.75 27.66 -8.27
N TYR A 202 7.29 26.59 -7.62
CA TYR A 202 8.09 25.36 -7.42
C TYR A 202 8.60 24.71 -8.71
N ASP A 203 7.84 24.73 -9.80
CA ASP A 203 8.23 24.12 -11.07
C ASP A 203 9.44 24.79 -11.77
N LYS A 204 9.94 25.92 -11.26
CA LYS A 204 11.17 26.56 -11.72
C LYS A 204 12.45 26.02 -11.07
N ILE A 205 12.34 25.39 -9.91
CA ILE A 205 13.49 25.13 -9.01
C ILE A 205 14.55 24.23 -9.63
N ILE A 206 14.12 23.13 -10.29
CA ILE A 206 15.02 22.18 -10.95
C ILE A 206 15.91 22.89 -11.99
N SER A 207 15.32 23.79 -12.79
CA SER A 207 16.00 24.49 -13.88
C SER A 207 17.13 25.37 -13.37
N GLU A 208 16.90 26.14 -12.30
CA GLU A 208 17.94 26.96 -11.69
C GLU A 208 19.03 26.12 -11.03
N CYS A 209 18.69 25.10 -10.25
CA CYS A 209 19.73 24.24 -9.66
C CYS A 209 20.63 23.59 -10.74
N SER A 210 20.06 23.26 -11.89
CA SER A 210 20.78 22.64 -13.00
C SER A 210 21.78 23.58 -13.70
N LYS A 211 21.70 24.90 -13.48
CA LYS A 211 22.70 25.89 -13.94
C LYS A 211 23.55 26.47 -12.81
N GLU A 212 23.16 26.25 -11.57
CA GLU A 212 23.99 26.51 -10.38
C GLU A 212 24.93 25.34 -10.06
N ILE A 213 24.64 24.14 -10.55
CA ILE A 213 25.65 23.11 -10.88
C ILE A 213 26.35 23.52 -12.19
N ASP A 214 27.52 22.95 -12.49
CA ASP A 214 28.47 23.47 -13.51
C ASP A 214 29.05 24.85 -13.16
N ALA A 215 29.24 25.11 -11.87
CA ALA A 215 29.78 26.34 -11.30
C ALA A 215 30.60 26.04 -10.03
N GLU A 216 30.96 27.06 -9.25
CA GLU A 216 31.70 26.92 -8.00
C GLU A 216 30.86 26.28 -6.87
N GLY A 217 31.52 25.59 -5.94
CA GLY A 217 30.93 24.93 -4.76
C GLY A 217 30.06 25.85 -3.89
N LYS A 218 30.26 27.17 -3.96
CA LYS A 218 29.40 28.22 -3.37
C LYS A 218 27.91 28.03 -3.70
N TYR A 219 27.63 27.50 -4.89
CA TYR A 219 26.29 27.17 -5.36
C TYR A 219 26.17 25.65 -5.58
N MET A 220 27.14 25.04 -6.28
CA MET A 220 27.05 23.67 -6.77
C MET A 220 26.84 22.63 -5.65
N ALA A 221 27.54 22.77 -4.53
CA ALA A 221 27.56 21.77 -3.46
C ALA A 221 26.20 21.55 -2.80
N GLU A 222 25.26 22.48 -2.97
CA GLU A 222 23.94 22.45 -2.36
C GLU A 222 22.81 22.59 -3.40
N ALA A 223 23.06 23.17 -4.57
CA ALA A 223 22.15 23.06 -5.71
C ALA A 223 21.89 21.60 -6.07
N LEU A 224 22.89 20.72 -5.97
CA LEU A 224 22.71 19.27 -6.06
C LEU A 224 21.63 18.76 -5.11
N LEU A 225 21.64 19.18 -3.85
CA LEU A 225 20.72 18.63 -2.86
C LEU A 225 19.34 19.26 -2.92
N LEU A 226 19.21 20.53 -3.33
CA LEU A 226 17.91 21.11 -3.62
C LEU A 226 17.25 20.44 -4.83
N ARG A 227 17.98 20.24 -5.93
CA ARG A 227 17.55 19.48 -7.11
C ARG A 227 17.15 18.05 -6.77
N ALA A 228 17.97 17.34 -5.99
CA ALA A 228 17.65 16.00 -5.52
C ALA A 228 16.37 15.95 -4.69
N THR A 229 16.07 17.01 -3.94
CA THR A 229 14.84 17.07 -3.14
C THR A 229 13.59 17.21 -4.01
N PHE A 230 13.61 18.05 -5.04
CA PHE A 230 12.48 18.16 -5.96
C PHE A 230 12.32 16.97 -6.89
N TYR A 231 13.39 16.30 -7.31
CA TYR A 231 13.27 15.00 -7.96
C TYR A 231 12.56 13.98 -7.07
N LEU A 232 12.88 13.89 -5.78
CA LEU A 232 12.14 13.01 -4.89
C LEU A 232 10.67 13.43 -4.75
N LEU A 233 10.35 14.72 -4.54
CA LEU A 233 8.97 15.22 -4.42
C LEU A 233 8.08 14.88 -5.64
N ILE A 234 8.64 14.99 -6.84
CA ILE A 234 7.98 14.63 -8.11
C ILE A 234 7.86 13.10 -8.31
N GLY A 235 8.54 12.27 -7.51
CA GLY A 235 8.57 10.80 -7.62
C GLY A 235 9.63 10.25 -8.58
N ASN A 236 10.56 11.10 -9.04
CA ASN A 236 11.59 10.78 -10.02
C ASN A 236 12.88 10.26 -9.34
N ALA A 237 12.76 9.22 -8.52
CA ALA A 237 13.86 8.74 -7.67
C ALA A 237 15.12 8.31 -8.44
N ASN A 238 14.99 7.81 -9.66
CA ASN A 238 16.13 7.44 -10.51
C ASN A 238 17.02 8.65 -10.83
N ALA A 239 16.43 9.82 -11.08
CA ALA A 239 17.19 11.06 -11.29
C ALA A 239 17.74 11.66 -9.99
N ALA A 240 17.16 11.36 -8.83
CA ALA A 240 17.64 11.85 -7.54
C ALA A 240 18.99 11.22 -7.16
N LYS A 241 19.11 9.89 -7.29
CA LYS A 241 20.29 9.09 -6.80
C LYS A 241 21.68 9.59 -7.23
N PRO A 242 21.99 10.09 -8.46
CA PRO A 242 23.30 10.67 -8.78
C PRO A 242 23.56 12.03 -8.12
N ASP A 243 22.55 12.87 -7.93
CA ASP A 243 22.71 14.14 -7.22
C ASP A 243 22.91 13.96 -5.71
N LEU A 244 22.38 12.89 -5.11
CA LEU A 244 22.71 12.53 -3.73
C LEU A 244 24.12 11.91 -3.62
N ASP A 245 24.45 10.96 -4.48
CA ASP A 245 25.75 10.27 -4.48
C ASP A 245 26.92 11.25 -4.63
N LYS A 246 26.77 12.28 -5.45
CA LYS A 246 27.78 13.34 -5.58
C LYS A 246 27.96 14.11 -4.29
N VAL A 247 26.88 14.50 -3.62
CA VAL A 247 26.92 15.28 -2.38
C VAL A 247 27.58 14.51 -1.23
N ILE A 248 27.41 13.20 -1.14
CA ILE A 248 28.18 12.40 -0.17
C ILE A 248 29.67 12.39 -0.51
N SER A 249 30.00 12.17 -1.78
CA SER A 249 31.37 12.03 -2.27
C SER A 249 32.20 13.32 -2.18
N LEU A 250 31.58 14.48 -2.37
CA LEU A 250 32.18 15.81 -2.32
C LEU A 250 32.62 16.19 -0.89
N LYS A 251 33.93 16.35 -0.65
CA LYS A 251 34.47 16.44 0.73
C LYS A 251 34.28 17.78 1.43
N GLU A 252 34.32 18.88 0.69
CA GLU A 252 34.37 20.24 1.27
C GLU A 252 33.00 20.81 1.63
N ALA A 253 31.92 20.23 1.10
CA ALA A 253 30.55 20.61 1.39
C ALA A 253 30.22 20.50 2.89
N ASN A 254 29.39 21.43 3.38
CA ASN A 254 28.99 21.52 4.78
C ASN A 254 28.50 20.16 5.32
N VAL A 255 28.98 19.73 6.49
CA VAL A 255 28.63 18.42 7.06
C VAL A 255 27.12 18.20 7.18
N LYS A 256 26.34 19.26 7.36
CA LYS A 256 24.87 19.17 7.45
C LYS A 256 24.21 18.80 6.11
N LEU A 257 24.80 19.18 4.97
CA LEU A 257 24.36 18.70 3.67
C LEU A 257 24.65 17.21 3.49
N ARG A 258 25.80 16.73 3.98
CA ARG A 258 26.16 15.31 3.94
C ARG A 258 25.20 14.47 4.77
N ALA A 259 24.88 14.91 5.98
CA ALA A 259 23.84 14.30 6.79
C ALA A 259 22.45 14.39 6.15
N ASN A 260 22.06 15.53 5.59
CA ASN A 260 20.75 15.68 4.94
C ASN A 260 20.61 14.79 3.69
N ALA A 261 21.66 14.67 2.89
CA ALA A 261 21.69 13.77 1.74
C ALA A 261 21.53 12.31 2.16
N LEU A 262 22.13 11.88 3.27
CA LEU A 262 21.94 10.52 3.77
C LEU A 262 20.51 10.24 4.29
N ILE A 263 19.78 11.24 4.78
CA ILE A 263 18.33 11.10 5.07
C ILE A 263 17.55 10.82 3.78
N LYS A 264 17.86 11.56 2.71
CA LYS A 264 17.19 11.44 1.42
C LYS A 264 17.58 10.16 0.65
N ARG A 265 18.84 9.72 0.68
CA ARG A 265 19.23 8.38 0.19
C ARG A 265 18.63 7.25 1.03
N GLY A 266 18.68 7.36 2.35
CA GLY A 266 18.07 6.39 3.25
C GLY A 266 16.58 6.21 2.98
N SER A 267 15.88 7.29 2.60
CA SER A 267 14.46 7.26 2.22
C SER A 267 14.22 6.66 0.83
N MET A 268 15.01 7.04 -0.18
CA MET A 268 15.01 6.45 -1.52
C MET A 268 15.18 4.93 -1.46
N TYR A 269 16.16 4.39 -0.72
CA TYR A 269 16.30 2.94 -0.53
C TYR A 269 15.07 2.28 0.09
N MET A 270 14.29 2.99 0.90
CA MET A 270 13.06 2.47 1.49
C MET A 270 11.90 2.41 0.48
N GLN A 271 11.82 3.36 -0.47
CA GLN A 271 10.92 3.22 -1.63
C GLN A 271 11.28 1.97 -2.46
N GLN A 272 12.57 1.70 -2.67
CA GLN A 272 13.04 0.47 -3.30
C GLN A 272 12.91 -0.80 -2.41
N GLN A 273 12.42 -0.69 -1.18
CA GLN A 273 12.33 -1.79 -0.20
C GLN A 273 13.68 -2.51 0.02
N GLN A 274 14.77 -1.73 0.10
CA GLN A 274 16.15 -2.23 0.41
C GLN A 274 16.40 -1.75 1.84
N PRO A 275 15.94 -2.42 2.92
CA PRO A 275 16.05 -1.91 4.29
C PRO A 275 17.47 -1.94 4.86
N LEU A 276 18.32 -2.89 4.46
CA LEU A 276 19.72 -2.89 4.90
C LEU A 276 20.49 -1.67 4.38
N LEU A 277 20.38 -1.33 3.10
CA LEU A 277 21.09 -0.17 2.53
C LEU A 277 20.55 1.15 3.10
N SER A 278 19.23 1.21 3.28
CA SER A 278 18.57 2.32 3.97
C SER A 278 19.13 2.54 5.38
N THR A 279 19.24 1.46 6.16
CA THR A 279 19.75 1.51 7.54
C THR A 279 21.22 1.91 7.60
N GLN A 280 22.06 1.44 6.68
CA GLN A 280 23.46 1.84 6.62
C GLN A 280 23.59 3.37 6.45
N ASP A 281 22.83 4.00 5.55
CA ASP A 281 22.86 5.46 5.39
C ASP A 281 22.37 6.20 6.62
N PHE A 282 21.25 5.76 7.19
CA PHE A 282 20.71 6.41 8.37
C PHE A 282 21.64 6.31 9.58
N ASN A 283 22.46 5.26 9.68
CA ASN A 283 23.51 5.19 10.70
C ASN A 283 24.69 6.11 10.38
N MET A 284 25.15 6.15 9.12
CA MET A 284 26.24 7.04 8.73
C MET A 284 25.89 8.51 8.99
N ALA A 285 24.64 8.92 8.78
CA ALA A 285 24.18 10.28 9.09
C ALA A 285 24.36 10.65 10.57
N ALA A 286 23.99 9.74 11.48
CA ALA A 286 24.12 9.92 12.92
C ALA A 286 25.57 9.80 13.43
N ASP A 287 26.47 9.15 12.68
CA ASP A 287 27.92 9.17 12.93
C ASP A 287 28.56 10.48 12.43
N ILE A 288 28.17 10.94 11.26
CA ILE A 288 28.79 12.07 10.55
C ILE A 288 28.46 13.42 11.19
N ASP A 289 27.24 13.60 11.68
CA ASP A 289 26.76 14.86 12.26
C ASP A 289 25.92 14.63 13.53
N PRO A 290 26.53 14.21 14.65
CA PRO A 290 25.79 13.69 15.80
C PRO A 290 24.86 14.70 16.49
N GLN A 291 25.09 16.01 16.26
CA GLN A 291 24.27 17.13 16.82
C GLN A 291 23.36 17.69 15.71
N ASN A 292 22.46 16.87 15.16
CA ASN A 292 21.55 17.22 14.07
C ASN A 292 20.17 16.59 14.27
N ALA A 293 19.17 17.42 14.57
CA ALA A 293 17.82 16.93 14.87
C ALA A 293 17.15 16.27 13.67
N ASP A 294 17.38 16.74 12.44
CA ASP A 294 16.69 16.19 11.26
C ASP A 294 17.02 14.73 11.02
N VAL A 295 18.26 14.32 11.32
CA VAL A 295 18.68 12.91 11.20
C VAL A 295 17.87 12.05 12.15
N TYR A 296 17.75 12.40 13.42
CA TYR A 296 16.98 11.61 14.36
C TYR A 296 15.48 11.73 14.14
N HIS A 297 14.99 12.84 13.61
CA HIS A 297 13.57 13.06 13.31
C HIS A 297 13.10 12.10 12.22
N HIS A 298 13.78 12.08 11.08
CA HIS A 298 13.42 11.21 9.97
C HIS A 298 13.76 9.74 10.23
N ARG A 299 14.82 9.43 10.98
CA ARG A 299 15.02 8.07 11.51
C ARG A 299 13.89 7.64 12.43
N GLY A 300 13.48 8.50 13.35
CA GLY A 300 12.41 8.21 14.30
C GLY A 300 11.11 7.88 13.58
N GLN A 301 10.73 8.71 12.60
CA GLN A 301 9.49 8.50 11.80
C GLN A 301 9.60 7.21 10.97
N LEU A 302 10.79 6.86 10.44
CA LEU A 302 10.94 5.60 9.72
C LEU A 302 10.85 4.40 10.66
N LYS A 303 11.59 4.41 11.77
CA LYS A 303 11.64 3.26 12.69
C LYS A 303 10.27 2.89 13.26
N ILE A 304 9.39 3.85 13.49
CA ILE A 304 8.02 3.59 13.96
C ILE A 304 7.08 3.06 12.87
N LEU A 305 7.35 3.32 11.58
CA LEU A 305 6.63 2.70 10.46
C LEU A 305 7.13 1.28 10.17
N LEU A 306 8.43 1.02 10.34
CA LEU A 306 9.00 -0.33 10.32
C LEU A 306 8.63 -1.16 11.55
N ASP A 307 7.91 -0.59 12.51
CA ASP A 307 7.53 -1.21 13.80
C ASP A 307 8.72 -1.59 14.70
N GLN A 308 9.92 -1.00 14.44
CA GLN A 308 11.15 -1.12 15.30
C GLN A 308 10.93 -0.01 16.33
N VAL A 309 9.99 -0.20 17.24
CA VAL A 309 9.49 0.92 18.06
C VAL A 309 10.53 1.47 19.04
N GLU A 310 11.34 0.62 19.67
CA GLU A 310 12.29 1.03 20.68
C GLU A 310 13.36 1.99 20.15
N GLU A 311 13.78 1.81 18.89
CA GLU A 311 14.74 2.71 18.24
C GLU A 311 14.10 4.05 17.86
N ALA A 312 12.80 4.06 17.58
CA ALA A 312 12.08 5.30 17.26
C ALA A 312 11.99 6.21 18.48
N VAL A 313 11.59 5.67 19.64
CA VAL A 313 11.50 6.44 20.89
C VAL A 313 12.83 7.10 21.23
N ALA A 314 13.93 6.36 21.16
CA ALA A 314 15.26 6.90 21.42
C ALA A 314 15.69 8.02 20.45
N ASP A 315 15.34 7.91 19.16
CA ASP A 315 15.63 8.95 18.18
C ASP A 315 14.69 10.14 18.28
N PHE A 316 13.42 9.96 18.65
CA PHE A 316 12.54 11.10 18.95
C PHE A 316 12.99 11.83 20.21
N ASP A 317 13.45 11.12 21.25
CA ASP A 317 13.98 11.76 22.45
C ASP A 317 15.20 12.64 22.15
N GLU A 318 16.03 12.22 21.21
CA GLU A 318 17.15 13.01 20.71
C GLU A 318 16.71 14.26 19.92
N CYS A 319 15.53 14.24 19.28
CA CYS A 319 14.94 15.44 18.69
C CYS A 319 14.54 16.44 19.77
N ILE A 320 13.89 15.99 20.84
CA ILE A 320 13.50 16.86 21.96
C ILE A 320 14.75 17.45 22.62
N ARG A 321 15.80 16.65 22.85
CA ARG A 321 17.06 17.13 23.44
C ARG A 321 17.65 18.30 22.65
N LEU A 322 17.57 18.26 21.33
CA LEU A 322 18.08 19.31 20.44
C LEU A 322 17.07 20.43 20.12
N ARG A 323 15.77 20.17 20.33
CA ARG A 323 14.64 21.12 20.07
C ARG A 323 13.67 20.97 21.25
N PRO A 324 13.97 21.45 22.49
CA PRO A 324 13.11 21.19 23.64
C PRO A 324 11.83 22.03 23.65
N GLU A 325 11.83 23.17 22.96
CA GLU A 325 10.69 24.06 22.80
C GLU A 325 9.63 23.56 21.78
N SER A 326 9.93 22.54 20.98
CA SER A 326 9.08 22.09 19.88
C SER A 326 7.82 21.36 20.33
N ALA A 327 6.66 21.78 19.84
CA ALA A 327 5.39 21.09 20.02
C ALA A 327 5.36 19.75 19.27
N LEU A 328 5.81 19.73 18.02
CA LEU A 328 5.79 18.54 17.17
C LEU A 328 6.64 17.41 17.74
N ALA A 329 7.87 17.69 18.19
CA ALA A 329 8.74 16.68 18.77
C ALA A 329 8.11 16.00 20.00
N GLN A 330 7.41 16.74 20.85
CA GLN A 330 6.73 16.19 22.02
C GLN A 330 5.45 15.41 21.66
N ALA A 331 4.71 15.85 20.63
CA ALA A 331 3.60 15.06 20.08
C ALA A 331 4.10 13.71 19.55
N GLN A 332 5.17 13.71 18.74
CA GLN A 332 5.74 12.50 18.15
C GLN A 332 6.29 11.54 19.19
N LYS A 333 7.06 11.98 20.19
CA LYS A 333 7.52 11.06 21.25
C LYS A 333 6.34 10.47 22.03
N CYS A 334 5.27 11.22 22.26
CA CYS A 334 4.07 10.68 22.90
C CYS A 334 3.40 9.59 22.04
N PHE A 335 3.28 9.81 20.73
CA PHE A 335 2.77 8.78 19.82
C PHE A 335 3.68 7.54 19.78
N ALA A 336 4.99 7.71 19.89
CA ALA A 336 5.93 6.61 19.96
C ALA A 336 5.77 5.78 21.24
N LEU A 337 5.56 6.41 22.38
CA LEU A 337 5.25 5.68 23.61
C LEU A 337 3.87 5.01 23.58
N TYR A 338 2.88 5.60 22.91
CA TYR A 338 1.62 4.91 22.63
C TYR A 338 1.83 3.66 21.79
N ARG A 339 2.53 3.77 20.65
CA ARG A 339 2.85 2.62 19.79
C ARG A 339 3.68 1.56 20.52
N GLN A 340 4.58 1.95 21.40
CA GLN A 340 5.33 1.00 22.23
C GLN A 340 4.40 0.25 23.19
N ALA A 341 3.51 0.95 23.89
CA ALA A 341 2.53 0.31 24.77
C ALA A 341 1.55 -0.58 23.98
N TYR A 342 1.09 -0.13 22.82
CA TYR A 342 0.12 -0.78 21.94
C TYR A 342 0.66 -1.99 21.15
N THR A 343 1.96 -2.05 20.88
CA THR A 343 2.63 -3.28 20.43
C THR A 343 2.89 -4.24 21.59
N GLY A 344 2.98 -3.74 22.82
CA GLY A 344 2.69 -4.53 24.01
C GLY A 344 1.19 -4.81 24.17
N ASN A 345 0.77 -5.24 25.36
CA ASN A 345 -0.64 -5.35 25.76
C ASN A 345 -0.89 -4.79 27.18
N ASN A 346 0.04 -4.02 27.74
CA ASN A 346 -0.02 -3.53 29.11
C ASN A 346 -1.02 -2.35 29.23
N SER A 347 -2.21 -2.62 29.75
CA SER A 347 -3.30 -1.64 29.86
C SER A 347 -2.88 -0.37 30.60
N SER A 348 -2.12 -0.49 31.70
CA SER A 348 -1.58 0.66 32.45
C SER A 348 -0.73 1.59 31.57
N GLN A 349 0.14 1.02 30.72
CA GLN A 349 1.01 1.77 29.83
C GLN A 349 0.24 2.38 28.66
N ILE A 350 -0.74 1.65 28.11
CA ILE A 350 -1.61 2.16 27.05
C ILE A 350 -2.42 3.36 27.56
N GLN A 351 -3.06 3.25 28.73
CA GLN A 351 -3.80 4.35 29.35
C GLN A 351 -2.90 5.54 29.74
N ALA A 352 -1.70 5.30 30.27
CA ALA A 352 -0.74 6.37 30.53
C ALA A 352 -0.37 7.14 29.25
N ALA A 353 -0.16 6.42 28.14
CA ALA A 353 0.11 7.04 26.85
C ALA A 353 -1.08 7.87 26.35
N MET A 354 -2.31 7.39 26.56
CA MET A 354 -3.53 8.15 26.19
C MET A 354 -3.60 9.50 26.90
N LYS A 355 -3.36 9.52 28.23
CA LYS A 355 -3.30 10.78 29.00
C LYS A 355 -2.17 11.68 28.54
N GLY A 356 -1.04 11.09 28.12
CA GLY A 356 0.10 11.81 27.55
C GLY A 356 -0.29 12.72 26.38
N PHE A 357 -1.22 12.33 25.51
CA PHE A 357 -1.66 13.23 24.45
C PHE A 357 -2.46 14.43 24.95
N GLU A 358 -3.27 14.30 26.01
CA GLU A 358 -3.94 15.45 26.60
C GLU A 358 -2.96 16.40 27.28
N GLU A 359 -1.94 15.88 27.97
CA GLU A 359 -0.84 16.69 28.49
C GLU A 359 -0.14 17.48 27.38
N VAL A 360 0.09 16.87 26.21
CA VAL A 360 0.61 17.58 25.03
C VAL A 360 -0.38 18.63 24.55
N ILE A 361 -1.68 18.30 24.45
CA ILE A 361 -2.69 19.24 23.94
C ILE A 361 -2.84 20.46 24.85
N LYS A 362 -2.87 20.29 26.18
CA LYS A 362 -2.99 21.43 27.09
C LYS A 362 -1.77 22.34 27.08
N LYS A 363 -0.56 21.78 26.88
CA LYS A 363 0.67 22.56 26.69
C LYS A 363 0.73 23.25 25.33
N PHE A 364 0.21 22.61 24.29
CA PHE A 364 0.29 23.06 22.90
C PHE A 364 -1.09 23.04 22.21
N PRO A 365 -2.04 23.90 22.61
CA PRO A 365 -3.42 23.84 22.15
C PRO A 365 -3.62 24.19 20.68
N ARG A 366 -2.59 24.69 19.98
CA ARG A 366 -2.58 24.93 18.53
C ARG A 366 -1.81 23.87 17.72
N CYS A 367 -1.35 22.79 18.35
CA CYS A 367 -0.63 21.71 17.70
C CYS A 367 -1.58 20.77 16.93
N ALA A 368 -1.84 21.06 15.66
CA ALA A 368 -2.76 20.27 14.83
C ALA A 368 -2.35 18.79 14.75
N GLU A 369 -1.06 18.48 14.59
CA GLU A 369 -0.58 17.10 14.59
C GLU A 369 -0.71 16.42 15.95
N GLY A 370 -0.77 17.16 17.06
CA GLY A 370 -1.14 16.61 18.36
C GLY A 370 -2.58 16.08 18.35
N TYR A 371 -3.52 16.87 17.84
CA TYR A 371 -4.91 16.42 17.67
C TYR A 371 -5.02 15.28 16.66
N ALA A 372 -4.37 15.35 15.50
CA ALA A 372 -4.39 14.27 14.50
C ALA A 372 -3.81 12.95 15.01
N LEU A 373 -2.67 12.94 15.70
CA LEU A 373 -2.13 11.73 16.29
C LEU A 373 -3.00 11.24 17.42
N TYR A 374 -3.56 12.12 18.23
CA TYR A 374 -4.42 11.70 19.33
C TYR A 374 -5.72 11.08 18.82
N ALA A 375 -6.31 11.68 17.81
CA ALA A 375 -7.46 11.14 17.13
C ALA A 375 -7.18 9.72 16.61
N GLN A 376 -5.99 9.43 16.12
CA GLN A 376 -5.62 8.09 15.67
C GLN A 376 -5.38 7.11 16.81
N ALA A 377 -4.82 7.52 17.94
CA ALA A 377 -4.81 6.69 19.14
C ALA A 377 -6.25 6.38 19.63
N LEU A 378 -7.15 7.36 19.62
CA LEU A 378 -8.56 7.17 19.98
C LEU A 378 -9.29 6.25 18.99
N THR A 379 -9.11 6.49 17.68
CA THR A 379 -9.64 5.64 16.59
C THR A 379 -9.24 4.20 16.83
N ASP A 380 -7.96 3.96 17.09
CA ASP A 380 -7.38 2.65 17.32
C ASP A 380 -7.89 1.98 18.61
N GLN A 381 -8.19 2.77 19.64
CA GLN A 381 -8.83 2.31 20.88
C GLN A 381 -10.38 2.29 20.80
N GLN A 382 -10.97 2.39 19.61
CA GLN A 382 -12.41 2.34 19.34
C GLN A 382 -13.23 3.47 20.01
N GLN A 383 -12.59 4.54 20.47
CA GLN A 383 -13.24 5.68 21.11
C GLN A 383 -13.74 6.67 20.06
N PHE A 384 -14.51 6.19 19.09
CA PHE A 384 -14.82 6.89 17.83
C PHE A 384 -15.43 8.27 18.02
N GLY A 385 -16.37 8.43 18.97
CA GLY A 385 -17.05 9.70 19.24
C GLY A 385 -16.13 10.81 19.74
N LYS A 386 -15.16 10.48 20.59
CA LYS A 386 -14.11 11.41 21.02
C LYS A 386 -13.12 11.70 19.89
N ALA A 387 -12.71 10.66 19.16
CA ALA A 387 -11.82 10.81 18.02
C ALA A 387 -12.39 11.81 17.00
N ASP A 388 -13.69 11.74 16.74
CA ASP A 388 -14.40 12.63 15.83
C ASP A 388 -14.33 14.12 16.24
N GLU A 389 -14.45 14.40 17.53
CA GLU A 389 -14.25 15.76 18.06
C GLU A 389 -12.81 16.26 17.84
N MET A 390 -11.81 15.39 18.00
CA MET A 390 -10.42 15.77 17.75
C MET A 390 -10.20 16.11 16.28
N TYR A 391 -10.81 15.37 15.36
CA TYR A 391 -10.80 15.74 13.96
C TYR A 391 -11.56 17.06 13.71
N ASP A 392 -12.66 17.35 14.40
CA ASP A 392 -13.30 18.68 14.29
C ASP A 392 -12.38 19.81 14.74
N LYS A 393 -11.68 19.61 15.86
CA LYS A 393 -10.71 20.57 16.39
C LYS A 393 -9.59 20.86 15.38
N CYS A 394 -9.13 19.86 14.64
CA CYS A 394 -8.17 20.09 13.55
C CYS A 394 -8.75 20.97 12.44
N ILE A 395 -10.04 20.83 12.11
CA ILE A 395 -10.68 21.64 11.07
C ILE A 395 -10.79 23.10 11.53
N ASP A 396 -11.14 23.33 12.80
CA ASP A 396 -11.14 24.68 13.39
C ASP A 396 -9.75 25.33 13.32
N LEU A 397 -8.69 24.57 13.62
CA LEU A 397 -7.31 25.04 13.63
C LEU A 397 -6.68 25.18 12.23
N GLU A 398 -7.12 24.40 11.24
CA GLU A 398 -6.69 24.55 9.85
C GLU A 398 -7.77 24.06 8.87
N PRO A 399 -8.66 24.95 8.40
CA PRO A 399 -9.66 24.62 7.39
C PRO A 399 -9.08 24.12 6.06
N ASP A 400 -7.83 24.45 5.72
CA ASP A 400 -7.20 23.99 4.48
C ASP A 400 -6.68 22.54 4.54
N ASN A 401 -6.69 21.90 5.72
CA ASN A 401 -6.17 20.54 5.90
C ASN A 401 -7.14 19.48 5.37
N ALA A 402 -7.16 19.25 4.06
CA ALA A 402 -8.03 18.28 3.39
C ALA A 402 -7.96 16.89 4.02
N THR A 403 -6.77 16.44 4.43
CA THR A 403 -6.59 15.11 4.99
C THR A 403 -7.36 14.91 6.28
N THR A 404 -7.76 15.94 7.03
CA THR A 404 -8.64 15.73 8.19
C THR A 404 -10.03 15.29 7.78
N TYR A 405 -10.62 15.82 6.72
CA TYR A 405 -11.89 15.30 6.22
C TYR A 405 -11.75 13.84 5.76
N VAL A 406 -10.60 13.45 5.21
CA VAL A 406 -10.28 12.04 4.92
C VAL A 406 -10.16 11.17 6.17
N HIS A 407 -9.49 11.62 7.25
CA HIS A 407 -9.39 10.86 8.54
C HIS A 407 -10.77 10.79 9.20
N LYS A 408 -11.64 11.78 9.02
CA LYS A 408 -13.03 11.84 9.49
C LYS A 408 -13.96 10.95 8.63
N GLY A 409 -13.69 10.82 7.33
CA GLY A 409 -14.35 9.90 6.42
C GLY A 409 -13.99 8.44 6.67
N LEU A 410 -12.70 8.11 6.76
CA LEU A 410 -12.23 6.78 7.15
C LEU A 410 -12.72 6.37 8.54
N LEU A 411 -12.89 7.32 9.47
CA LEU A 411 -13.50 7.04 10.77
C LEU A 411 -14.94 6.53 10.60
N GLN A 412 -15.71 7.10 9.66
CA GLN A 412 -17.11 6.65 9.37
C GLN A 412 -17.12 5.17 8.95
N LEU A 413 -16.19 4.74 8.10
CA LEU A 413 -16.01 3.34 7.67
C LEU A 413 -15.67 2.37 8.81
N GLN A 414 -15.32 2.88 10.00
CA GLN A 414 -15.02 2.09 11.19
C GLN A 414 -16.10 2.26 12.28
N TRP A 415 -16.72 3.44 12.34
CA TRP A 415 -17.67 3.88 13.36
C TRP A 415 -19.09 3.39 13.04
N LYS A 416 -19.31 2.08 13.15
CA LYS A 416 -20.51 1.38 12.68
C LYS A 416 -20.80 1.56 11.17
N GLN A 417 -19.71 1.67 10.38
CA GLN A 417 -19.76 1.63 8.89
C GLN A 417 -20.97 2.34 8.29
N ASP A 418 -21.10 3.66 8.49
CA ASP A 418 -22.15 4.45 7.83
C ASP A 418 -21.69 5.07 6.50
N LEU A 419 -21.55 4.24 5.47
CA LEU A 419 -20.95 4.57 4.18
C LEU A 419 -21.57 5.78 3.46
N ASP A 420 -22.87 6.06 3.66
CA ASP A 420 -23.60 7.16 2.96
C ASP A 420 -22.94 8.51 3.25
N ARG A 421 -22.76 8.90 4.52
CA ARG A 421 -22.10 10.17 4.88
C ARG A 421 -20.58 10.13 4.72
N GLY A 422 -19.98 8.94 4.68
CA GLY A 422 -18.57 8.74 4.32
C GLY A 422 -18.22 9.30 2.95
N LEU A 423 -19.09 9.11 1.96
CA LEU A 423 -18.97 9.78 0.66
C LEU A 423 -18.99 11.31 0.78
N GLU A 424 -19.89 11.88 1.56
CA GLU A 424 -20.05 13.34 1.65
C GLU A 424 -18.80 14.01 2.21
N LEU A 425 -18.23 13.47 3.29
CA LEU A 425 -16.98 13.94 3.88
C LEU A 425 -15.82 13.90 2.87
N ILE A 426 -15.63 12.77 2.20
CA ILE A 426 -14.48 12.62 1.31
C ILE A 426 -14.70 13.39 0.02
N SER A 427 -15.95 13.64 -0.38
CA SER A 427 -16.27 14.58 -1.46
C SER A 427 -15.84 15.99 -1.09
N LYS A 428 -16.11 16.44 0.15
CA LYS A 428 -15.62 17.72 0.66
C LYS A 428 -14.09 17.75 0.72
N ALA A 429 -13.44 16.66 1.11
CA ALA A 429 -11.98 16.56 1.11
C ALA A 429 -11.39 16.74 -0.31
N ILE A 430 -11.95 16.04 -1.29
CA ILE A 430 -11.58 16.16 -2.71
C ILE A 430 -11.84 17.57 -3.25
N GLU A 431 -12.87 18.25 -2.75
CA GLU A 431 -13.14 19.65 -3.09
C GLU A 431 -12.16 20.64 -2.44
N ILE A 432 -11.68 20.41 -1.22
CA ILE A 432 -10.63 21.25 -0.60
C ILE A 432 -9.30 21.09 -1.35
N ASP A 433 -8.88 19.85 -1.61
CA ASP A 433 -7.63 19.55 -2.32
C ASP A 433 -7.81 18.36 -3.26
N ASN A 434 -7.99 18.67 -4.54
CA ASN A 434 -8.18 17.69 -5.59
C ASN A 434 -6.90 16.91 -5.97
N LYS A 435 -5.76 17.12 -5.28
CA LYS A 435 -4.54 16.30 -5.41
C LYS A 435 -4.32 15.35 -4.24
N CYS A 436 -5.25 15.26 -3.29
CA CYS A 436 -5.13 14.32 -2.18
C CYS A 436 -5.39 12.88 -2.65
N ASP A 437 -4.35 12.14 -3.05
CA ASP A 437 -4.54 10.77 -3.56
C ASP A 437 -5.11 9.82 -2.51
N PHE A 438 -4.88 10.10 -1.23
CA PHE A 438 -5.47 9.38 -0.11
C PHE A 438 -6.99 9.50 -0.06
N ALA A 439 -7.55 10.64 -0.49
CA ALA A 439 -8.98 10.84 -0.58
C ALA A 439 -9.59 10.00 -1.71
N TYR A 440 -9.04 10.06 -2.93
CA TYR A 440 -9.53 9.26 -4.04
C TYR A 440 -9.39 7.77 -3.78
N GLU A 441 -8.24 7.32 -3.29
CA GLU A 441 -8.04 5.93 -2.94
C GLU A 441 -9.07 5.48 -1.89
N THR A 442 -9.38 6.32 -0.90
CA THR A 442 -10.42 5.99 0.08
C THR A 442 -11.79 5.87 -0.54
N MET A 443 -12.25 6.86 -1.31
CA MET A 443 -13.58 6.82 -1.89
C MET A 443 -13.76 5.68 -2.88
N GLY A 444 -12.70 5.27 -3.59
CA GLY A 444 -12.68 4.02 -4.32
C GLY A 444 -13.13 2.83 -3.48
N THR A 445 -12.60 2.64 -2.27
CA THR A 445 -13.06 1.53 -1.41
C THR A 445 -14.51 1.66 -0.92
N ILE A 446 -15.09 2.86 -0.89
CA ILE A 446 -16.50 3.03 -0.54
C ILE A 446 -17.34 2.54 -1.70
N GLU A 447 -17.05 3.02 -2.91
CA GLU A 447 -17.73 2.53 -4.12
C GLU A 447 -17.60 1.01 -4.26
N VAL A 448 -16.48 0.39 -3.89
CA VAL A 448 -16.38 -1.08 -3.81
C VAL A 448 -17.38 -1.67 -2.81
N GLN A 449 -17.49 -1.14 -1.60
CA GLN A 449 -18.44 -1.67 -0.60
C GLN A 449 -19.90 -1.47 -0.99
N ARG A 450 -20.20 -0.43 -1.76
CA ARG A 450 -21.50 -0.18 -2.39
C ARG A 450 -21.74 -1.03 -3.66
N GLY A 451 -20.74 -1.78 -4.12
CA GLY A 451 -20.81 -2.63 -5.32
C GLY A 451 -20.70 -1.87 -6.65
N ASN A 452 -20.40 -0.58 -6.62
CA ASN A 452 -20.39 0.32 -7.77
C ASN A 452 -19.04 0.27 -8.52
N MET A 453 -18.65 -0.91 -9.00
CA MET A 453 -17.27 -1.21 -9.39
C MET A 453 -16.72 -0.29 -10.47
N GLU A 454 -17.51 0.18 -11.43
CA GLU A 454 -17.04 1.10 -12.48
C GLU A 454 -16.59 2.44 -11.90
N LYS A 455 -17.28 2.98 -10.90
CA LYS A 455 -16.87 4.22 -10.24
C LYS A 455 -15.74 3.99 -9.24
N ALA A 456 -15.68 2.84 -8.56
CA ALA A 456 -14.51 2.46 -7.78
C ALA A 456 -13.23 2.45 -8.63
N ILE A 457 -13.26 1.78 -9.78
CA ILE A 457 -12.15 1.75 -10.73
C ILE A 457 -11.82 3.17 -11.21
N ASP A 458 -12.79 4.05 -11.43
CA ASP A 458 -12.51 5.44 -11.76
C ASP A 458 -11.80 6.19 -10.62
N MET A 459 -12.18 5.95 -9.36
CA MET A 459 -11.49 6.53 -8.20
C MET A 459 -10.06 6.02 -8.07
N PHE A 460 -9.83 4.71 -8.19
CA PHE A 460 -8.47 4.16 -8.20
C PHE A 460 -7.66 4.68 -9.37
N ASN A 461 -8.23 4.86 -10.57
CA ASN A 461 -7.50 5.50 -11.67
C ASN A 461 -7.13 6.96 -11.37
N LYS A 462 -7.99 7.72 -10.68
CA LYS A 462 -7.66 9.08 -10.22
C LYS A 462 -6.55 9.09 -9.15
N ALA A 463 -6.48 8.06 -8.30
CA ALA A 463 -5.33 7.87 -7.42
C ALA A 463 -4.05 7.45 -8.16
N ILE A 464 -4.11 6.55 -9.15
CA ILE A 464 -2.94 6.12 -9.94
C ILE A 464 -2.28 7.30 -10.63
N ASN A 465 -3.04 8.23 -11.18
CA ASN A 465 -2.51 9.45 -11.79
C ASN A 465 -1.86 10.44 -10.78
N LEU A 466 -1.80 10.11 -9.49
CA LEU A 466 -1.15 10.88 -8.42
C LEU A 466 -0.06 10.09 -7.65
N ALA A 467 0.23 8.85 -8.02
CA ALA A 467 1.27 8.02 -7.40
C ALA A 467 2.69 8.56 -7.66
N LYS A 468 3.63 8.32 -6.73
CA LYS A 468 5.02 8.81 -6.77
C LYS A 468 6.07 7.71 -6.98
N SER A 469 5.66 6.46 -7.24
CA SER A 469 6.56 5.31 -7.31
C SER A 469 5.93 4.11 -8.03
N GLU A 470 6.74 3.15 -8.49
CA GLU A 470 6.22 1.85 -8.91
C GLU A 470 5.52 1.12 -7.77
N MET A 471 6.06 1.21 -6.56
CA MET A 471 5.57 0.53 -5.37
C MET A 471 4.11 0.91 -5.03
N GLU A 472 3.70 2.15 -5.29
CA GLU A 472 2.33 2.67 -5.14
C GLU A 472 1.43 2.26 -6.31
N MET A 473 1.87 2.41 -7.55
CA MET A 473 1.06 1.98 -8.69
C MET A 473 0.80 0.47 -8.66
N ALA A 474 1.78 -0.35 -8.30
CA ALA A 474 1.60 -1.80 -8.21
C ALA A 474 0.55 -2.20 -7.18
N HIS A 475 0.35 -1.34 -6.17
CA HIS A 475 -0.68 -1.55 -5.11
C HIS A 475 -2.06 -1.12 -5.64
N LEU A 476 -2.19 0.04 -6.31
CA LEU A 476 -3.46 0.50 -6.87
C LEU A 476 -3.97 -0.37 -8.04
N TYR A 477 -3.08 -0.91 -8.87
CA TYR A 477 -3.48 -1.85 -9.92
C TYR A 477 -3.92 -3.22 -9.40
N SER A 478 -3.42 -3.68 -8.26
CA SER A 478 -4.02 -4.83 -7.59
C SER A 478 -5.50 -4.57 -7.23
N LEU A 479 -5.86 -3.36 -6.81
CA LEU A 479 -7.24 -3.01 -6.47
C LEU A 479 -8.13 -2.94 -7.72
N CYS A 480 -7.67 -2.34 -8.81
CA CYS A 480 -8.43 -2.31 -10.05
C CYS A 480 -8.69 -3.71 -10.60
N ASP A 481 -7.71 -4.60 -10.54
CA ASP A 481 -7.85 -5.96 -11.07
C ASP A 481 -8.76 -6.83 -10.22
N ALA A 482 -8.80 -6.67 -8.90
CA ALA A 482 -9.81 -7.33 -8.09
C ALA A 482 -11.23 -6.79 -8.39
N ALA A 483 -11.39 -5.48 -8.60
CA ALA A 483 -12.67 -4.89 -9.00
C ALA A 483 -13.15 -5.39 -10.38
N HIS A 484 -12.28 -5.46 -11.38
CA HIS A 484 -12.61 -6.10 -12.65
C HIS A 484 -12.99 -7.55 -12.45
N ALA A 485 -12.22 -8.34 -11.71
CA ALA A 485 -12.52 -9.76 -11.52
C ALA A 485 -13.88 -9.99 -10.88
N GLN A 486 -14.29 -9.18 -9.90
CA GLN A 486 -15.63 -9.29 -9.33
C GLN A 486 -16.71 -8.82 -10.30
N THR A 487 -16.44 -7.84 -11.15
CA THR A 487 -17.35 -7.46 -12.23
C THR A 487 -17.60 -8.63 -13.20
N GLU A 488 -16.56 -9.37 -13.62
CA GLU A 488 -16.72 -10.54 -14.47
C GLU A 488 -17.34 -11.73 -13.75
N VAL A 489 -17.07 -11.95 -12.47
CA VAL A 489 -17.77 -12.98 -11.70
C VAL A 489 -19.25 -12.65 -11.46
N ALA A 490 -19.63 -11.37 -11.38
CA ALA A 490 -21.02 -10.96 -11.23
C ALA A 490 -21.92 -11.42 -12.39
N LYS A 491 -21.36 -11.59 -13.59
CA LYS A 491 -22.04 -12.15 -14.77
C LYS A 491 -22.26 -13.67 -14.70
N LYS A 492 -21.68 -14.35 -13.71
CA LYS A 492 -21.51 -15.82 -13.68
C LYS A 492 -21.84 -16.38 -12.29
N PRO B 39 -2.29 -12.15 9.77
CA PRO B 39 -2.92 -11.37 8.67
C PRO B 39 -1.98 -11.26 7.46
N LYS B 40 -2.40 -10.54 6.41
CA LYS B 40 -1.53 -10.18 5.28
C LYS B 40 -0.40 -9.22 5.69
N VAL B 41 0.65 -9.16 4.88
CA VAL B 41 1.79 -8.24 5.04
C VAL B 41 1.99 -7.46 3.74
N TYR B 42 2.21 -6.16 3.88
CA TYR B 42 2.33 -5.20 2.78
C TYR B 42 3.69 -4.49 2.86
N PRO B 43 4.25 -3.97 1.75
CA PRO B 43 5.44 -3.12 1.79
C PRO B 43 5.22 -1.85 2.63
N ILE B 44 6.29 -1.29 3.19
CA ILE B 44 6.22 -0.01 3.90
C ILE B 44 6.31 1.13 2.89
N ILE B 45 5.16 1.53 2.35
CA ILE B 45 5.09 2.48 1.24
C ILE B 45 5.16 3.91 1.80
N LEU B 46 6.36 4.41 2.11
CA LEU B 46 6.54 5.76 2.67
C LEU B 46 5.98 6.85 1.75
N ARG B 47 5.21 7.78 2.31
CA ARG B 47 5.11 9.14 1.74
C ARG B 47 6.36 9.92 2.19
N LEU B 48 6.89 10.78 1.33
CA LEU B 48 8.05 11.61 1.66
C LEU B 48 7.67 12.71 2.65
N GLY B 49 8.43 12.87 3.75
CA GLY B 49 8.37 13.99 4.70
C GLY B 49 6.97 14.46 5.13
N SER B 50 6.02 13.54 5.23
CA SER B 50 4.61 13.78 5.55
C SER B 50 4.36 13.65 7.04
N PRO B 51 3.30 14.28 7.60
CA PRO B 51 2.96 14.11 9.00
C PRO B 51 2.81 12.63 9.34
N LEU B 52 3.32 12.19 10.48
CA LEU B 52 3.31 10.79 10.85
C LEU B 52 1.88 10.23 10.95
N SER B 53 0.90 11.06 11.32
CA SER B 53 -0.52 10.70 11.27
C SER B 53 -0.98 10.32 9.86
N LEU B 54 -0.49 10.92 8.78
CA LEU B 54 -0.86 10.51 7.42
C LEU B 54 -0.24 9.17 7.05
N ASN B 55 1.01 8.91 7.43
CA ASN B 55 1.66 7.64 7.15
C ASN B 55 1.01 6.49 7.93
N MET B 56 0.62 6.71 9.19
CA MET B 56 -0.15 5.72 9.94
C MET B 56 -1.56 5.51 9.38
N ALA B 57 -2.15 6.50 8.70
CA ALA B 57 -3.43 6.37 8.02
C ALA B 57 -3.34 5.51 6.76
N ARG B 58 -2.33 5.68 5.89
CA ARG B 58 -2.11 4.75 4.76
C ARG B 58 -1.86 3.32 5.22
N LYS B 59 -1.09 3.13 6.29
CA LYS B 59 -0.91 1.81 6.94
C LYS B 59 -2.23 1.16 7.41
N THR B 60 -3.28 1.96 7.66
CA THR B 60 -4.64 1.49 7.99
C THR B 60 -5.51 1.23 6.75
N LEU B 61 -5.48 2.10 5.74
CA LEU B 61 -6.34 1.98 4.56
C LEU B 61 -6.13 0.66 3.81
N ASN B 62 -4.91 0.10 3.82
CA ASN B 62 -4.63 -1.23 3.27
C ASN B 62 -5.54 -2.33 3.83
N SER B 63 -5.95 -2.24 5.10
CA SER B 63 -6.84 -3.20 5.73
C SER B 63 -8.32 -2.98 5.36
N LEU B 64 -8.76 -1.73 5.22
CA LEU B 64 -10.10 -1.42 4.72
C LEU B 64 -10.26 -1.80 3.23
N GLU B 65 -9.22 -1.64 2.41
CA GLU B 65 -9.18 -2.16 1.05
C GLU B 65 -9.29 -3.68 1.00
N ASP B 66 -8.64 -4.39 1.91
CA ASP B 66 -8.75 -5.85 2.01
C ASP B 66 -10.19 -6.30 2.29
N LYS B 67 -10.90 -5.66 3.23
CA LYS B 67 -12.28 -6.03 3.56
C LYS B 67 -13.28 -5.55 2.53
N ALA B 68 -13.02 -4.46 1.81
CA ALA B 68 -13.97 -3.89 0.84
C ALA B 68 -14.45 -4.88 -0.22
N PHE B 69 -13.57 -5.70 -0.79
CA PHE B 69 -13.96 -6.72 -1.77
C PHE B 69 -14.70 -7.92 -1.17
N GLN B 70 -14.60 -8.19 0.14
CA GLN B 70 -15.38 -9.28 0.81
C GLN B 70 -16.76 -8.75 1.22
N LEU B 71 -16.86 -7.49 1.66
CA LEU B 71 -18.05 -6.81 2.14
C LEU B 71 -18.69 -6.01 1.01
N THR B 72 -19.21 -6.69 -0.01
CA THR B 72 -19.84 -6.07 -1.19
C THR B 72 -20.98 -6.94 -1.75
N PRO B 73 -22.01 -6.39 -2.42
CA PRO B 73 -23.20 -7.17 -2.79
C PRO B 73 -22.94 -8.30 -3.79
N ILE B 74 -22.00 -8.12 -4.73
CA ILE B 74 -21.59 -9.16 -5.70
C ILE B 74 -21.09 -10.42 -4.98
N ALA B 75 -20.32 -10.24 -3.91
CA ALA B 75 -19.79 -11.29 -3.05
C ALA B 75 -20.82 -11.89 -2.09
N VAL B 76 -22.02 -11.31 -1.98
CA VAL B 76 -23.09 -11.72 -1.08
C VAL B 76 -24.43 -11.74 -1.82
#